data_3B7B
#
_entry.id   3B7B
#
_cell.length_a   59.790
_cell.length_b   151.260
_cell.length_c   167.850
_cell.angle_alpha   90.00
_cell.angle_beta   90.00
_cell.angle_gamma   90.00
#
_symmetry.space_group_name_H-M   'C 2 2 21'
#
loop_
_entity.id
_entity.type
_entity.pdbx_description
1 polymer 'Euchromatic histone-lysine N-methyltransferase 1'
2 non-polymer 'SULFATE ION'
3 water water
#
_entity_poly.entity_id   1
_entity_poly.type   'polypeptide(L)'
_entity_poly.pdbx_seq_one_letter_code
;HMNFKMEHQNKRSPLHAAAEAGHVDICHMLVQAGANIDTCSEDQRTPLMEAAENNHLEAVKYLIKAGALVDPKDAEGSTC
LHLAAKKGHYEVVQYLLSNGQMDVNCQDDGGWTPMIWATEYKHVDLVKLLLSKGSDINIRDNEENICLHWAAFSGCVDIA
EILLAAKCDLHAVNIHGDSPLHIAARENRYDCVVLFLSRDSDVTLKNKEGETPLQCASLNSQVWSALQMSKALQDSA
;
_entity_poly.pdbx_strand_id   A,B
#
loop_
_chem_comp.id
_chem_comp.type
_chem_comp.name
_chem_comp.formula
SO4 non-polymer 'SULFATE ION' 'O4 S -2'
#
# COMPACT_ATOMS: atom_id res chain seq x y z
N HIS A 1 -4.43 -34.95 28.05
CA HIS A 1 -5.35 -33.95 28.68
C HIS A 1 -6.64 -33.76 27.87
N MET A 2 -7.32 -32.64 28.09
CA MET A 2 -8.55 -32.40 27.36
C MET A 2 -8.46 -31.22 26.42
N ASN A 3 -9.02 -31.39 25.23
CA ASN A 3 -9.02 -30.36 24.23
C ASN A 3 -10.40 -29.72 24.16
N PHE A 4 -10.51 -28.48 24.58
CA PHE A 4 -11.78 -27.78 24.50
C PHE A 4 -12.18 -27.76 23.02
N LYS A 5 -13.47 -27.92 22.70
CA LYS A 5 -13.89 -27.80 21.30
C LYS A 5 -14.07 -26.29 21.10
N MET A 6 -13.44 -25.75 20.08
CA MET A 6 -13.54 -24.32 19.82
C MET A 6 -13.97 -24.03 18.41
N GLU A 7 -14.57 -22.85 18.22
CA GLU A 7 -14.97 -22.42 16.88
C GLU A 7 -13.68 -21.92 16.27
N HIS A 8 -13.28 -20.69 16.60
CA HIS A 8 -12.04 -20.18 16.05
C HIS A 8 -11.04 -19.91 17.17
N GLN A 9 -10.13 -20.85 17.37
CA GLN A 9 -9.10 -20.70 18.40
C GLN A 9 -8.02 -19.82 17.79
N ASN A 10 -7.55 -18.83 18.54
CA ASN A 10 -6.52 -17.93 18.03
C ASN A 10 -5.26 -18.09 18.89
N LYS A 11 -5.03 -19.32 19.36
CA LYS A 11 -3.88 -19.61 20.21
C LYS A 11 -3.00 -20.78 19.75
N ARG A 12 -1.70 -20.59 19.74
CA ARG A 12 -0.80 -21.68 19.35
C ARG A 12 -1.07 -22.93 20.24
N SER A 13 -1.04 -24.10 19.64
CA SER A 13 -1.31 -25.34 20.36
C SER A 13 -0.08 -26.24 20.39
N PRO A 14 -0.12 -27.32 21.18
CA PRO A 14 1.05 -28.22 21.24
C PRO A 14 1.29 -28.85 19.85
N LEU A 15 0.21 -29.03 19.08
CA LEU A 15 0.32 -29.61 17.73
C LEU A 15 1.28 -28.80 16.88
N HIS A 16 1.23 -27.47 17.02
CA HIS A 16 2.11 -26.57 16.29
C HIS A 16 3.55 -26.86 16.68
N ALA A 17 3.84 -26.90 17.98
CA ALA A 17 5.20 -27.16 18.42
C ALA A 17 5.66 -28.52 17.90
N ALA A 18 4.82 -29.53 18.01
CA ALA A 18 5.18 -30.86 17.53
C ALA A 18 5.43 -30.82 16.02
N ALA A 19 4.51 -30.19 15.28
CA ALA A 19 4.61 -30.05 13.82
C ALA A 19 5.94 -29.39 13.45
N GLU A 20 6.20 -28.24 14.05
CA GLU A 20 7.41 -27.46 13.84
C GLU A 20 8.72 -28.20 14.12
N ALA A 21 8.66 -29.21 15.00
CA ALA A 21 9.83 -30.00 15.36
C ALA A 21 9.92 -31.21 14.44
N GLY A 22 8.85 -31.44 13.69
CA GLY A 22 8.81 -32.56 12.77
C GLY A 22 8.64 -33.89 13.45
N HIS A 23 8.29 -33.88 14.74
CA HIS A 23 8.08 -35.11 15.51
C HIS A 23 6.77 -35.77 15.10
N VAL A 24 6.84 -36.78 14.22
CA VAL A 24 5.61 -37.41 13.76
C VAL A 24 4.76 -38.12 14.80
N ASP A 25 5.40 -38.80 15.74
CA ASP A 25 4.65 -39.52 16.76
C ASP A 25 3.89 -38.61 17.70
N ILE A 26 4.57 -37.63 18.28
CA ILE A 26 3.88 -36.70 19.18
C ILE A 26 2.69 -36.08 18.45
N CYS A 27 2.84 -35.82 17.16
CA CYS A 27 1.74 -35.23 16.38
C CYS A 27 0.57 -36.21 16.45
N HIS A 28 0.86 -37.46 16.08
CA HIS A 28 -0.14 -38.53 16.08
C HIS A 28 -0.87 -38.61 17.42
N MET A 29 -0.12 -38.83 18.50
CA MET A 29 -0.70 -38.92 19.84
C MET A 29 -1.67 -37.77 20.12
N LEU A 30 -1.23 -36.57 19.80
CA LEU A 30 -2.06 -35.40 20.01
C LEU A 30 -3.32 -35.43 19.16
N VAL A 31 -3.18 -35.74 17.88
CA VAL A 31 -4.33 -35.79 16.96
C VAL A 31 -5.29 -36.85 17.49
N GLN A 32 -4.73 -38.03 17.77
CA GLN A 32 -5.49 -39.15 18.28
C GLN A 32 -6.21 -38.81 19.58
N ALA A 33 -5.66 -37.88 20.36
CA ALA A 33 -6.24 -37.48 21.64
C ALA A 33 -7.29 -36.38 21.53
N GLY A 34 -7.59 -35.96 20.31
CA GLY A 34 -8.60 -34.93 20.15
C GLY A 34 -8.16 -33.61 19.55
N ALA A 35 -6.85 -33.37 19.51
CA ALA A 35 -6.31 -32.12 18.96
C ALA A 35 -6.89 -31.82 17.60
N ASN A 36 -7.30 -30.56 17.40
CA ASN A 36 -7.85 -30.12 16.11
C ASN A 36 -6.68 -29.92 15.16
N ILE A 37 -6.56 -30.82 14.18
CA ILE A 37 -5.47 -30.76 13.24
C ILE A 37 -5.34 -29.46 12.46
N ASP A 38 -6.33 -28.57 12.56
CA ASP A 38 -6.27 -27.30 11.83
C ASP A 38 -6.33 -26.03 12.67
N THR A 39 -6.01 -26.13 13.96
CA THR A 39 -6.07 -24.98 14.85
C THR A 39 -5.20 -23.84 14.36
N CYS A 40 -5.59 -22.60 14.65
CA CYS A 40 -4.81 -21.46 14.22
C CYS A 40 -4.06 -20.78 15.34
N SER A 41 -2.82 -20.40 15.06
CA SER A 41 -2.00 -19.71 16.05
C SER A 41 -2.44 -18.26 16.11
N GLU A 42 -1.89 -17.50 17.04
CA GLU A 42 -2.26 -16.10 17.18
C GLU A 42 -2.03 -15.36 15.87
N ASP A 43 -1.03 -15.81 15.13
CA ASP A 43 -0.68 -15.22 13.83
C ASP A 43 -1.20 -16.03 12.64
N GLN A 44 -2.34 -16.67 12.86
CA GLN A 44 -3.01 -17.47 11.86
C GLN A 44 -2.14 -18.44 11.08
N ARG A 45 -1.65 -19.48 11.76
CA ARG A 45 -0.82 -20.47 11.10
C ARG A 45 -1.26 -21.86 11.54
N THR A 46 -1.30 -22.77 10.58
CA THR A 46 -1.71 -24.14 10.86
C THR A 46 -0.50 -25.02 11.10
N PRO A 47 -0.68 -26.14 11.80
CA PRO A 47 0.46 -27.02 12.06
C PRO A 47 1.13 -27.42 10.74
N LEU A 48 0.32 -27.59 9.68
CA LEU A 48 0.84 -27.98 8.37
C LEU A 48 1.83 -26.91 7.96
N MET A 49 1.45 -25.65 8.08
CA MET A 49 2.37 -24.57 7.74
C MET A 49 3.68 -24.72 8.55
N GLU A 50 3.57 -24.91 9.87
CA GLU A 50 4.74 -25.07 10.71
C GLU A 50 5.67 -26.20 10.20
N ALA A 51 5.09 -27.34 9.86
CA ALA A 51 5.85 -28.49 9.38
C ALA A 51 6.43 -28.26 8.00
N ALA A 52 5.69 -27.56 7.16
CA ALA A 52 6.14 -27.27 5.80
C ALA A 52 7.37 -26.37 5.83
N GLU A 53 7.18 -25.16 6.32
CA GLU A 53 8.24 -24.16 6.42
C GLU A 53 9.55 -24.64 7.04
N ASN A 54 9.47 -25.66 7.89
CA ASN A 54 10.64 -26.20 8.57
C ASN A 54 11.16 -27.50 7.94
N ASN A 55 10.80 -27.72 6.68
CA ASN A 55 11.25 -28.87 5.90
C ASN A 55 11.11 -30.27 6.53
N HIS A 56 10.03 -30.47 7.28
CA HIS A 56 9.78 -31.75 7.91
C HIS A 56 8.85 -32.60 7.07
N LEU A 57 9.40 -33.25 6.04
CA LEU A 57 8.58 -34.04 5.13
C LEU A 57 7.63 -35.05 5.76
N GLU A 58 8.16 -36.00 6.54
CA GLU A 58 7.30 -37.00 7.14
C GLU A 58 6.12 -36.44 7.93
N ALA A 59 6.35 -35.36 8.68
CA ALA A 59 5.29 -34.74 9.46
C ALA A 59 4.31 -34.03 8.54
N VAL A 60 4.79 -33.60 7.37
CA VAL A 60 3.93 -32.93 6.40
C VAL A 60 3.00 -33.98 5.81
N LYS A 61 3.55 -35.16 5.50
CA LYS A 61 2.76 -36.25 4.95
C LYS A 61 1.71 -36.68 5.97
N TYR A 62 2.14 -36.94 7.21
CA TYR A 62 1.19 -37.34 8.23
C TYR A 62 0.01 -36.35 8.28
N LEU A 63 0.29 -35.10 8.62
CA LEU A 63 -0.76 -34.10 8.72
C LEU A 63 -1.67 -34.16 7.49
N ILE A 64 -1.06 -34.24 6.31
CA ILE A 64 -1.84 -34.30 5.09
C ILE A 64 -2.67 -35.58 5.01
N LYS A 65 -1.99 -36.73 5.05
CA LYS A 65 -2.68 -38.03 5.03
C LYS A 65 -3.39 -38.24 6.39
N ALA A 66 -4.10 -37.21 6.86
CA ALA A 66 -4.82 -37.25 8.14
C ALA A 66 -5.87 -36.15 8.21
N GLY A 67 -6.12 -35.49 7.08
CA GLY A 67 -7.17 -34.48 7.03
C GLY A 67 -6.71 -33.03 7.12
N ALA A 68 -5.43 -32.80 7.35
CA ALA A 68 -4.95 -31.43 7.45
C ALA A 68 -5.51 -30.52 6.34
N LEU A 69 -6.10 -29.41 6.80
CA LEU A 69 -6.62 -28.41 5.90
C LEU A 69 -5.46 -27.73 5.25
N VAL A 70 -5.55 -27.62 3.94
CA VAL A 70 -4.43 -27.21 3.18
C VAL A 70 -4.43 -25.85 2.52
N ASP A 71 -5.54 -25.15 2.32
CA ASP A 71 -5.38 -23.81 1.73
C ASP A 71 -5.55 -22.73 2.81
N PRO A 72 -5.20 -23.07 4.07
CA PRO A 72 -5.24 -22.03 5.09
C PRO A 72 -4.40 -20.86 4.65
N LYS A 73 -4.79 -19.62 4.82
CA LYS A 73 -3.86 -18.58 4.39
C LYS A 73 -3.13 -18.00 5.60
N ASP A 74 -1.86 -17.66 5.44
CA ASP A 74 -1.03 -17.00 6.45
C ASP A 74 -1.75 -15.75 6.96
N ALA A 75 -1.13 -14.90 7.75
CA ALA A 75 -1.79 -13.68 8.15
C ALA A 75 -1.60 -12.72 6.99
N GLU A 76 -0.65 -13.03 6.12
CA GLU A 76 -0.37 -12.18 4.96
C GLU A 76 -0.69 -12.88 3.64
N GLY A 77 -1.53 -13.90 3.74
CA GLY A 77 -1.98 -14.63 2.57
C GLY A 77 -1.12 -15.76 2.04
N SER A 78 -0.14 -16.20 2.81
CA SER A 78 0.69 -17.28 2.31
C SER A 78 0.19 -18.64 2.75
N THR A 79 0.28 -19.62 1.86
CA THR A 79 -0.15 -20.95 2.23
C THR A 79 1.09 -21.74 2.52
N CYS A 80 0.94 -22.96 3.03
CA CYS A 80 2.11 -23.75 3.32
C CYS A 80 2.96 -23.86 2.06
N LEU A 81 2.32 -23.91 0.89
CA LEU A 81 3.06 -24.00 -0.38
C LEU A 81 3.97 -22.79 -0.57
N HIS A 82 3.50 -21.59 -0.21
CA HIS A 82 4.33 -20.39 -0.33
C HIS A 82 5.55 -20.54 0.57
N LEU A 83 5.25 -20.79 1.85
CA LEU A 83 6.27 -20.93 2.87
C LEU A 83 7.34 -21.95 2.50
N ALA A 84 6.94 -23.13 2.07
CA ALA A 84 7.94 -24.12 1.71
C ALA A 84 8.75 -23.65 0.53
N ALA A 85 8.09 -23.00 -0.43
CA ALA A 85 8.79 -22.50 -1.61
C ALA A 85 9.74 -21.38 -1.23
N LYS A 86 9.24 -20.45 -0.43
CA LYS A 86 10.02 -19.30 -0.01
C LYS A 86 11.35 -19.77 0.61
N LYS A 87 11.33 -20.94 1.24
CA LYS A 87 12.51 -21.51 1.89
C LYS A 87 13.20 -22.50 0.94
N GLY A 88 12.61 -22.71 -0.23
CA GLY A 88 13.17 -23.61 -1.21
C GLY A 88 13.25 -25.08 -0.83
N HIS A 89 12.26 -25.59 -0.09
CA HIS A 89 12.27 -27.00 0.29
C HIS A 89 11.66 -27.81 -0.84
N TYR A 90 12.51 -28.40 -1.68
CA TYR A 90 12.06 -29.19 -2.83
C TYR A 90 11.04 -30.29 -2.54
N GLU A 91 11.42 -31.25 -1.71
CA GLU A 91 10.53 -32.37 -1.34
C GLU A 91 9.16 -31.96 -0.82
N VAL A 92 9.12 -31.01 0.12
CA VAL A 92 7.86 -30.57 0.66
C VAL A 92 7.03 -29.95 -0.45
N VAL A 93 7.64 -29.06 -1.22
CA VAL A 93 6.91 -28.43 -2.30
C VAL A 93 6.42 -29.50 -3.26
N GLN A 94 7.22 -30.53 -3.43
CA GLN A 94 6.86 -31.63 -4.33
C GLN A 94 5.60 -32.35 -3.85
N TYR A 95 5.63 -32.82 -2.61
CA TYR A 95 4.50 -33.54 -2.04
C TYR A 95 3.28 -32.64 -1.98
N LEU A 96 3.47 -31.38 -1.63
CA LEU A 96 2.33 -30.50 -1.56
C LEU A 96 1.70 -30.32 -2.93
N LEU A 97 2.49 -30.53 -3.98
CA LEU A 97 1.98 -30.41 -5.34
C LEU A 97 1.27 -31.67 -5.81
N SER A 98 1.91 -32.83 -5.69
CA SER A 98 1.29 -34.08 -6.11
C SER A 98 0.22 -34.59 -5.13
N ASN A 99 0.65 -35.37 -4.15
CA ASN A 99 -0.25 -35.94 -3.13
C ASN A 99 -1.07 -34.95 -2.32
N GLY A 100 -0.65 -33.69 -2.32
CA GLY A 100 -1.36 -32.69 -1.56
C GLY A 100 -2.43 -31.97 -2.36
N GLN A 101 -2.45 -32.15 -3.68
CA GLN A 101 -3.44 -31.50 -4.54
C GLN A 101 -3.64 -30.02 -4.18
N MET A 102 -2.59 -29.21 -4.36
CA MET A 102 -2.65 -27.79 -4.05
C MET A 102 -2.54 -26.93 -5.30
N ASP A 103 -2.75 -25.64 -5.17
CA ASP A 103 -2.71 -24.73 -6.30
C ASP A 103 -1.38 -23.99 -6.51
N VAL A 104 -0.67 -24.31 -7.59
CA VAL A 104 0.63 -23.68 -7.86
C VAL A 104 0.58 -22.21 -8.16
N ASN A 105 -0.60 -21.70 -8.48
CA ASN A 105 -0.74 -20.29 -8.83
C ASN A 105 -1.39 -19.47 -7.77
N CYS A 106 -1.50 -20.06 -6.58
CA CYS A 106 -2.09 -19.39 -5.46
C CYS A 106 -1.29 -18.11 -5.24
N GLN A 107 -1.96 -16.98 -5.08
CA GLN A 107 -1.25 -15.73 -4.86
C GLN A 107 -1.44 -15.21 -3.45
N ASP A 108 -0.38 -14.78 -2.79
CA ASP A 108 -0.58 -14.26 -1.44
C ASP A 108 -1.10 -12.84 -1.53
N ASP A 109 -1.00 -12.08 -0.45
CA ASP A 109 -1.52 -10.72 -0.45
C ASP A 109 -0.85 -9.70 -1.35
N GLY A 110 0.46 -9.83 -1.56
CA GLY A 110 1.15 -8.88 -2.41
C GLY A 110 1.02 -9.23 -3.89
N GLY A 111 0.28 -10.29 -4.16
CA GLY A 111 0.10 -10.73 -5.53
C GLY A 111 1.07 -11.82 -5.97
N TRP A 112 2.09 -12.06 -5.15
CA TRP A 112 3.12 -13.04 -5.45
C TRP A 112 2.66 -14.49 -5.41
N THR A 113 3.17 -15.28 -6.35
CA THR A 113 2.87 -16.70 -6.43
C THR A 113 4.10 -17.44 -5.90
N PRO A 114 3.98 -18.74 -5.65
CA PRO A 114 5.16 -19.45 -5.16
C PRO A 114 6.37 -19.29 -6.07
N MET A 115 6.15 -19.10 -7.36
CA MET A 115 7.29 -18.97 -8.24
C MET A 115 7.96 -17.64 -8.04
N ILE A 116 7.17 -16.58 -7.87
CA ILE A 116 7.79 -15.29 -7.65
C ILE A 116 8.53 -15.37 -6.32
N TRP A 117 8.06 -16.23 -5.42
CA TRP A 117 8.73 -16.36 -4.13
C TRP A 117 10.03 -17.12 -4.27
N ALA A 118 10.02 -18.23 -5.00
CA ALA A 118 11.23 -19.01 -5.18
C ALA A 118 12.21 -18.24 -6.05
N THR A 119 11.71 -17.26 -6.80
CA THR A 119 12.59 -16.46 -7.65
C THR A 119 13.28 -15.41 -6.78
N GLU A 120 12.51 -14.82 -5.87
CA GLU A 120 13.04 -13.82 -4.96
C GLU A 120 14.20 -14.41 -4.17
N TYR A 121 14.10 -15.67 -3.75
CA TYR A 121 15.20 -16.27 -3.00
C TYR A 121 16.13 -17.13 -3.86
N LYS A 122 16.10 -16.91 -5.16
CA LYS A 122 16.96 -17.62 -6.12
C LYS A 122 17.02 -19.14 -6.01
N HIS A 123 15.89 -19.80 -5.78
CA HIS A 123 15.87 -21.26 -5.69
C HIS A 123 15.58 -21.84 -7.06
N VAL A 124 16.61 -21.88 -7.90
CA VAL A 124 16.52 -22.37 -9.27
C VAL A 124 15.67 -23.61 -9.53
N ASP A 125 16.09 -24.75 -8.98
CA ASP A 125 15.36 -25.98 -9.20
C ASP A 125 13.92 -25.94 -8.74
N LEU A 126 13.61 -25.03 -7.83
CA LEU A 126 12.25 -24.90 -7.35
C LEU A 126 11.41 -24.21 -8.43
N VAL A 127 12.02 -23.27 -9.18
CA VAL A 127 11.30 -22.59 -10.26
C VAL A 127 11.09 -23.59 -11.39
N LYS A 128 12.06 -24.49 -11.56
CA LYS A 128 11.97 -25.53 -12.57
C LYS A 128 10.79 -26.41 -12.22
N LEU A 129 10.80 -26.88 -10.97
CA LEU A 129 9.74 -27.73 -10.46
C LEU A 129 8.38 -27.07 -10.58
N LEU A 130 8.29 -25.81 -10.17
CA LEU A 130 7.01 -25.12 -10.25
C LEU A 130 6.57 -24.93 -11.71
N LEU A 131 7.54 -24.81 -12.61
CA LEU A 131 7.16 -24.68 -14.01
C LEU A 131 6.68 -26.03 -14.49
N SER A 132 7.53 -27.04 -14.31
CA SER A 132 7.21 -28.42 -14.72
C SER A 132 5.86 -28.91 -14.20
N LYS A 133 5.31 -28.19 -13.22
CA LYS A 133 4.04 -28.65 -12.68
C LYS A 133 2.92 -27.61 -12.70
N GLY A 134 2.94 -26.64 -13.63
CA GLY A 134 1.82 -25.72 -13.79
C GLY A 134 1.97 -24.22 -13.54
N SER A 135 3.13 -23.68 -13.19
CA SER A 135 3.21 -22.26 -12.94
C SER A 135 2.80 -21.42 -14.14
N ASP A 136 1.95 -20.41 -13.88
CA ASP A 136 1.48 -19.50 -14.92
C ASP A 136 2.36 -18.26 -14.87
N ILE A 137 3.42 -18.23 -15.67
CA ILE A 137 4.37 -17.12 -15.72
C ILE A 137 3.77 -15.75 -16.09
N ASN A 138 2.48 -15.72 -16.44
CA ASN A 138 1.82 -14.48 -16.81
C ASN A 138 1.23 -13.79 -15.59
N ILE A 139 1.22 -14.50 -14.47
CA ILE A 139 0.66 -13.95 -13.23
C ILE A 139 1.29 -12.61 -12.94
N ARG A 140 0.48 -11.64 -12.58
CA ARG A 140 1.02 -10.32 -12.29
C ARG A 140 0.83 -9.90 -10.85
N ASP A 141 1.91 -9.66 -10.12
CA ASP A 141 1.76 -9.26 -8.74
C ASP A 141 1.00 -7.95 -8.72
N ASN A 142 0.65 -7.47 -7.54
CA ASN A 142 -0.13 -6.23 -7.41
C ASN A 142 0.47 -4.95 -7.99
N GLU A 143 1.68 -5.01 -8.51
CA GLU A 143 2.25 -3.81 -9.09
C GLU A 143 2.66 -4.02 -10.53
N GLU A 144 1.94 -4.94 -11.15
CA GLU A 144 2.15 -5.26 -12.59
C GLU A 144 3.44 -5.97 -12.95
N ASN A 145 4.09 -6.54 -12.00
CA ASN A 145 5.27 -7.25 -12.36
C ASN A 145 4.93 -8.71 -12.65
N ILE A 146 5.53 -9.33 -13.65
CA ILE A 146 5.29 -10.73 -13.85
C ILE A 146 6.57 -11.37 -13.31
N CYS A 147 6.63 -12.68 -13.23
CA CYS A 147 7.83 -13.29 -12.67
C CYS A 147 9.13 -12.76 -13.27
N LEU A 148 9.20 -12.56 -14.58
CA LEU A 148 10.46 -12.10 -15.17
C LEU A 148 11.00 -10.80 -14.57
N HIS A 149 10.13 -9.86 -14.24
CA HIS A 149 10.58 -8.61 -13.66
C HIS A 149 11.41 -8.84 -12.41
N TRP A 150 11.01 -9.81 -11.59
CA TRP A 150 11.74 -10.08 -10.37
C TRP A 150 12.98 -10.92 -10.66
N ALA A 151 12.90 -11.80 -11.67
CA ALA A 151 14.07 -12.60 -12.04
C ALA A 151 15.11 -11.55 -12.41
N ALA A 152 14.62 -10.47 -13.02
CA ALA A 152 15.47 -9.37 -13.42
C ALA A 152 15.99 -8.66 -12.19
N PHE A 153 15.08 -8.12 -11.37
CA PHE A 153 15.48 -7.40 -10.16
C PHE A 153 16.52 -8.20 -9.36
N SER A 154 16.25 -9.49 -9.18
CA SER A 154 17.14 -10.38 -8.44
C SER A 154 18.54 -10.56 -9.06
N GLY A 155 18.58 -10.80 -10.37
CA GLY A 155 19.85 -10.98 -11.04
C GLY A 155 20.19 -12.41 -11.46
N CYS A 156 19.44 -13.39 -10.99
CA CYS A 156 19.70 -14.78 -11.34
C CYS A 156 19.34 -15.12 -12.79
N VAL A 157 20.37 -15.20 -13.64
CA VAL A 157 20.17 -15.50 -15.06
C VAL A 157 19.64 -16.88 -15.35
N ASP A 158 19.91 -17.83 -14.47
CA ASP A 158 19.44 -19.19 -14.67
C ASP A 158 17.94 -19.31 -14.48
N ILE A 159 17.39 -18.39 -13.71
CA ILE A 159 15.95 -18.35 -13.46
C ILE A 159 15.36 -17.49 -14.55
N ALA A 160 16.11 -16.47 -14.96
CA ALA A 160 15.68 -15.55 -16.02
C ALA A 160 15.67 -16.29 -17.35
N GLU A 161 16.67 -17.14 -17.55
CA GLU A 161 16.80 -17.92 -18.78
C GLU A 161 15.63 -18.89 -18.86
N ILE A 162 15.39 -19.57 -17.74
CA ILE A 162 14.32 -20.55 -17.62
C ILE A 162 12.93 -19.95 -17.87
N LEU A 163 12.71 -18.75 -17.37
CA LEU A 163 11.42 -18.09 -17.59
C LEU A 163 11.21 -17.64 -19.04
N LEU A 164 12.31 -17.38 -19.76
CA LEU A 164 12.23 -16.93 -21.14
C LEU A 164 11.99 -18.15 -22.02
N ALA A 165 12.73 -19.22 -21.74
CA ALA A 165 12.59 -20.47 -22.47
C ALA A 165 11.17 -20.98 -22.27
N ALA A 166 10.38 -20.27 -21.47
CA ALA A 166 9.00 -20.66 -21.20
C ALA A 166 8.03 -19.71 -21.93
N LYS A 167 8.53 -19.03 -22.95
CA LYS A 167 7.74 -18.11 -23.75
C LYS A 167 7.24 -16.89 -22.98
N CYS A 168 8.04 -16.43 -22.03
CA CYS A 168 7.68 -15.27 -21.22
C CYS A 168 7.99 -13.96 -21.96
N ASP A 169 7.02 -13.06 -22.00
CA ASP A 169 7.15 -11.77 -22.68
C ASP A 169 8.35 -10.95 -22.18
N LEU A 170 9.33 -10.75 -23.06
CA LEU A 170 10.54 -10.01 -22.73
C LEU A 170 10.26 -8.50 -22.71
N HIS A 171 9.04 -8.10 -23.04
CA HIS A 171 8.70 -6.69 -23.08
C HIS A 171 7.51 -6.32 -22.22
N ALA A 172 7.07 -7.25 -21.37
CA ALA A 172 5.94 -7.00 -20.48
C ALA A 172 6.37 -5.84 -19.58
N VAL A 173 5.44 -4.97 -19.21
CA VAL A 173 5.83 -3.88 -18.34
C VAL A 173 4.90 -3.69 -17.16
N ASN A 174 5.47 -3.24 -16.04
CA ASN A 174 4.68 -3.04 -14.86
C ASN A 174 4.14 -1.63 -14.78
N ILE A 175 3.41 -1.37 -13.71
CA ILE A 175 2.76 -0.10 -13.45
C ILE A 175 3.65 1.13 -13.59
N HIS A 176 4.95 0.95 -13.73
CA HIS A 176 5.85 2.10 -13.89
C HIS A 176 6.32 2.16 -15.34
N GLY A 177 5.95 1.14 -16.11
CA GLY A 177 6.32 1.12 -17.50
C GLY A 177 7.64 0.43 -17.70
N ASP A 178 8.22 -0.06 -16.62
CA ASP A 178 9.50 -0.76 -16.71
C ASP A 178 9.35 -2.16 -17.29
N SER A 179 10.36 -2.57 -18.06
CA SER A 179 10.37 -3.89 -18.66
C SER A 179 11.43 -4.68 -17.90
N PRO A 180 11.67 -5.94 -18.27
CA PRO A 180 12.70 -6.64 -17.52
C PRO A 180 14.07 -5.94 -17.70
N LEU A 181 14.38 -5.53 -18.93
CA LEU A 181 15.66 -4.86 -19.20
C LEU A 181 15.78 -3.56 -18.41
N HIS A 182 14.69 -2.83 -18.25
CA HIS A 182 14.73 -1.60 -17.48
C HIS A 182 15.24 -1.91 -16.09
N ILE A 183 14.68 -2.95 -15.49
CA ILE A 183 15.04 -3.36 -14.13
C ILE A 183 16.47 -3.86 -14.09
N ALA A 184 16.78 -4.86 -14.91
CA ALA A 184 18.13 -5.40 -14.99
C ALA A 184 19.21 -4.31 -15.15
N ALA A 185 18.81 -3.09 -15.48
CA ALA A 185 19.74 -1.98 -15.65
C ALA A 185 19.87 -1.17 -14.37
N ARG A 186 18.73 -0.79 -13.82
CA ARG A 186 18.67 0.00 -12.61
C ARG A 186 19.40 -0.70 -11.47
N GLU A 187 19.15 -1.99 -11.32
CA GLU A 187 19.77 -2.76 -10.25
C GLU A 187 21.16 -3.27 -10.63
N ASN A 188 21.61 -2.85 -11.80
CA ASN A 188 22.93 -3.21 -12.32
C ASN A 188 23.23 -4.71 -12.40
N ARG A 189 22.30 -5.46 -12.96
CA ARG A 189 22.48 -6.91 -13.11
C ARG A 189 23.08 -7.24 -14.48
N TYR A 190 24.39 -7.07 -14.61
CA TYR A 190 25.09 -7.32 -15.87
C TYR A 190 24.66 -8.56 -16.64
N ASP A 191 25.00 -9.75 -16.13
CA ASP A 191 24.62 -10.98 -16.84
C ASP A 191 23.21 -10.94 -17.39
N CYS A 192 22.27 -10.39 -16.63
CA CYS A 192 20.87 -10.29 -17.06
C CYS A 192 20.68 -9.35 -18.25
N VAL A 193 21.14 -8.11 -18.14
CA VAL A 193 21.00 -7.19 -19.26
C VAL A 193 21.66 -7.80 -20.52
N VAL A 194 22.62 -8.70 -20.34
CA VAL A 194 23.26 -9.35 -21.49
C VAL A 194 22.36 -10.39 -22.10
N LEU A 195 21.79 -11.28 -21.28
CA LEU A 195 20.88 -12.29 -21.82
C LEU A 195 19.77 -11.55 -22.54
N PHE A 196 19.18 -10.57 -21.86
CA PHE A 196 18.09 -9.78 -22.45
C PHE A 196 18.45 -9.12 -23.78
N LEU A 197 19.61 -8.47 -23.87
CA LEU A 197 20.01 -7.83 -25.11
C LEU A 197 20.16 -8.89 -26.17
N SER A 198 20.69 -10.05 -25.77
CA SER A 198 20.88 -11.16 -26.68
C SER A 198 19.56 -11.77 -27.19
N ARG A 199 18.42 -11.29 -26.67
CA ARG A 199 17.11 -11.79 -27.11
C ARG A 199 16.30 -10.63 -27.70
N ASP A 200 17.02 -9.60 -28.14
CA ASP A 200 16.44 -8.43 -28.77
C ASP A 200 15.46 -7.61 -27.92
N SER A 201 15.88 -7.19 -26.74
CA SER A 201 15.01 -6.38 -25.90
C SER A 201 15.17 -4.90 -26.34
N ASP A 202 14.08 -4.25 -26.71
CA ASP A 202 14.10 -2.85 -27.17
C ASP A 202 14.89 -1.91 -26.23
N VAL A 203 16.06 -1.43 -26.65
CA VAL A 203 16.86 -0.51 -25.82
C VAL A 203 16.30 0.91 -25.86
N THR A 204 15.37 1.14 -26.80
CA THR A 204 14.74 2.44 -27.00
C THR A 204 13.43 2.61 -26.23
N LEU A 205 12.94 1.54 -25.61
CA LEU A 205 11.67 1.63 -24.89
C LEU A 205 11.70 2.52 -23.66
N LYS A 206 10.87 3.55 -23.66
CA LYS A 206 10.81 4.46 -22.52
C LYS A 206 9.71 3.99 -21.57
N ASN A 207 9.85 4.27 -20.28
CA ASN A 207 8.84 3.87 -19.32
C ASN A 207 7.98 5.09 -19.03
N LYS A 208 7.11 5.02 -18.03
CA LYS A 208 6.24 6.14 -17.73
C LYS A 208 6.99 7.35 -17.14
N GLU A 209 8.31 7.32 -17.21
CA GLU A 209 9.10 8.45 -16.72
C GLU A 209 9.80 9.05 -17.93
N GLY A 210 9.84 8.29 -19.02
CA GLY A 210 10.49 8.76 -20.24
C GLY A 210 11.85 8.11 -20.39
N GLU A 211 12.33 7.54 -19.29
CA GLU A 211 13.62 6.87 -19.25
C GLU A 211 13.59 5.60 -20.09
N THR A 212 14.75 5.21 -20.58
CA THR A 212 14.89 4.01 -21.38
C THR A 212 15.77 3.15 -20.52
N PRO A 213 15.93 1.86 -20.84
CA PRO A 213 16.82 1.11 -19.95
C PRO A 213 18.21 1.78 -19.82
N LEU A 214 18.81 2.19 -20.93
CA LEU A 214 20.11 2.85 -20.86
C LEU A 214 20.09 4.03 -19.89
N GLN A 215 19.00 4.77 -19.86
CA GLN A 215 18.92 5.94 -18.98
C GLN A 215 18.67 5.58 -17.50
N CYS A 216 18.53 4.30 -17.20
CA CYS A 216 18.26 3.86 -15.83
C CYS A 216 19.48 3.32 -15.15
N ALA A 217 20.44 2.87 -15.93
CA ALA A 217 21.67 2.32 -15.36
C ALA A 217 22.49 3.46 -14.80
N SER A 218 23.41 3.15 -13.88
CA SER A 218 24.27 4.19 -13.32
C SER A 218 25.38 4.39 -14.33
N LEU A 219 25.96 5.57 -14.35
CA LEU A 219 27.02 5.89 -15.30
C LEU A 219 28.30 5.10 -15.10
N ASN A 220 28.90 4.65 -16.20
CA ASN A 220 30.14 3.89 -16.18
C ASN A 220 30.03 2.53 -15.50
N SER A 221 28.82 1.98 -15.46
CA SER A 221 28.63 0.69 -14.85
C SER A 221 28.97 -0.31 -15.90
N GLN A 222 29.08 -1.56 -15.50
CA GLN A 222 29.35 -2.61 -16.47
C GLN A 222 28.09 -2.56 -17.36
N VAL A 223 26.94 -2.46 -16.70
CA VAL A 223 25.67 -2.44 -17.41
C VAL A 223 25.49 -1.23 -18.30
N TRP A 224 25.98 -0.08 -17.87
CA TRP A 224 25.83 1.10 -18.70
C TRP A 224 26.66 0.90 -19.97
N SER A 225 27.89 0.43 -19.78
CA SER A 225 28.81 0.20 -20.88
C SER A 225 28.26 -0.79 -21.88
N ALA A 226 27.52 -1.78 -21.41
CA ALA A 226 26.96 -2.76 -22.31
C ALA A 226 25.76 -2.16 -23.06
N LEU A 227 24.87 -1.50 -22.33
CA LEU A 227 23.68 -0.89 -22.93
C LEU A 227 23.98 0.20 -23.95
N GLN A 228 25.10 0.89 -23.78
CA GLN A 228 25.44 1.93 -24.72
C GLN A 228 26.07 1.33 -25.96
N MET A 229 27.03 0.43 -25.76
CA MET A 229 27.69 -0.26 -26.85
C MET A 229 26.57 -0.73 -27.77
N SER A 230 25.45 -1.12 -27.15
CA SER A 230 24.27 -1.61 -27.85
C SER A 230 23.54 -0.51 -28.61
N LYS A 231 23.16 0.56 -27.93
CA LYS A 231 22.45 1.66 -28.58
C LYS A 231 23.22 2.21 -29.78
N ALA A 232 24.55 2.18 -29.69
CA ALA A 232 25.40 2.68 -30.77
C ALA A 232 25.41 1.72 -31.94
N LEU A 233 25.45 0.44 -31.63
CA LEU A 233 25.47 -0.59 -32.65
C LEU A 233 24.09 -0.67 -33.30
N GLN A 234 23.10 -0.03 -32.68
CA GLN A 234 21.72 -0.01 -33.19
C GLN A 234 21.59 1.21 -34.09
N ASP A 235 22.06 2.35 -33.60
CA ASP A 235 22.02 3.60 -34.35
C ASP A 235 22.91 3.50 -35.60
N SER A 236 23.79 2.49 -35.62
CA SER A 236 24.70 2.25 -36.75
C SER A 236 24.10 1.16 -37.65
N SER B 13 -34.10 22.63 -7.85
CA SER B 13 -34.07 24.03 -7.32
C SER B 13 -33.21 24.98 -8.16
N PRO B 14 -33.83 26.02 -8.75
CA PRO B 14 -33.08 26.98 -9.56
C PRO B 14 -31.99 27.72 -8.78
N LEU B 15 -32.31 28.18 -7.57
CA LEU B 15 -31.30 28.88 -6.79
C LEU B 15 -30.04 28.01 -6.73
N HIS B 16 -30.23 26.71 -6.45
CA HIS B 16 -29.10 25.79 -6.39
C HIS B 16 -28.33 25.80 -7.70
N ALA B 17 -29.08 25.65 -8.79
CA ALA B 17 -28.51 25.62 -10.12
C ALA B 17 -27.73 26.89 -10.43
N ALA B 18 -28.30 28.03 -10.02
CA ALA B 18 -27.69 29.32 -10.26
C ALA B 18 -26.41 29.48 -9.45
N ALA B 19 -26.46 29.12 -8.17
CA ALA B 19 -25.33 29.23 -7.27
C ALA B 19 -24.24 28.27 -7.67
N GLU B 20 -24.64 27.10 -8.14
CA GLU B 20 -23.64 26.12 -8.54
C GLU B 20 -22.83 26.66 -9.72
N ALA B 21 -23.50 27.38 -10.63
CA ALA B 21 -22.87 27.94 -11.82
C ALA B 21 -22.28 29.34 -11.65
N GLY B 22 -22.38 29.86 -10.44
CA GLY B 22 -21.85 31.19 -10.16
C GLY B 22 -22.60 32.38 -10.75
N HIS B 23 -23.81 32.19 -11.30
CA HIS B 23 -24.55 33.33 -11.86
C HIS B 23 -25.17 34.19 -10.77
N VAL B 24 -24.44 35.20 -10.31
CA VAL B 24 -24.93 36.09 -9.27
C VAL B 24 -26.25 36.81 -9.62
N ASP B 25 -26.40 37.19 -10.89
CA ASP B 25 -27.62 37.87 -11.33
C ASP B 25 -28.84 37.01 -11.06
N ILE B 26 -28.86 35.81 -11.62
CA ILE B 26 -29.96 34.88 -11.43
C ILE B 26 -30.22 34.69 -9.93
N CYS B 27 -29.15 34.48 -9.16
CA CYS B 27 -29.25 34.30 -7.71
C CYS B 27 -30.03 35.44 -7.09
N HIS B 28 -29.58 36.64 -7.40
CA HIS B 28 -30.23 37.82 -6.87
C HIS B 28 -31.69 37.86 -7.30
N MET B 29 -31.95 37.67 -8.59
CA MET B 29 -33.32 37.71 -9.07
C MET B 29 -34.20 36.69 -8.37
N LEU B 30 -33.66 35.51 -8.08
CA LEU B 30 -34.48 34.51 -7.40
C LEU B 30 -34.70 34.86 -5.90
N VAL B 31 -33.65 35.34 -5.24
CA VAL B 31 -33.76 35.71 -3.83
C VAL B 31 -34.80 36.82 -3.72
N GLN B 32 -34.88 37.62 -4.75
CA GLN B 32 -35.83 38.73 -4.77
C GLN B 32 -37.26 38.25 -5.05
N ALA B 33 -37.37 37.24 -5.92
CA ALA B 33 -38.65 36.68 -6.29
C ALA B 33 -39.26 35.98 -5.09
N GLY B 34 -38.45 35.77 -4.05
CA GLY B 34 -38.98 35.11 -2.88
C GLY B 34 -38.39 33.75 -2.62
N ALA B 35 -37.55 33.27 -3.53
CA ALA B 35 -36.93 31.97 -3.36
C ALA B 35 -36.34 31.89 -1.95
N ASN B 36 -36.10 30.68 -1.48
CA ASN B 36 -35.56 30.45 -0.15
C ASN B 36 -34.05 30.32 -0.20
N ILE B 37 -33.36 31.29 0.36
CA ILE B 37 -31.91 31.29 0.32
C ILE B 37 -31.28 30.10 0.99
N ASP B 38 -31.90 29.59 2.04
CA ASP B 38 -31.35 28.45 2.78
C ASP B 38 -32.08 27.14 2.51
N THR B 39 -32.32 26.82 1.25
CA THR B 39 -33.05 25.59 0.99
C THR B 39 -32.18 24.36 0.77
N CYS B 40 -32.46 23.29 1.50
CA CYS B 40 -31.70 22.06 1.37
C CYS B 40 -32.24 21.16 0.28
N SER B 41 -31.33 20.42 -0.32
CA SER B 41 -31.66 19.46 -1.36
C SER B 41 -31.83 18.09 -0.66
N GLU B 42 -32.29 17.08 -1.39
CA GLU B 42 -32.46 15.76 -0.81
C GLU B 42 -31.22 15.45 0.04
N ASP B 43 -30.06 15.78 -0.53
CA ASP B 43 -28.77 15.54 0.11
C ASP B 43 -28.33 16.57 1.12
N GLN B 44 -29.25 17.43 1.54
CA GLN B 44 -28.96 18.42 2.58
C GLN B 44 -27.91 19.50 2.28
N ARG B 45 -27.86 19.98 1.04
CA ARG B 45 -26.90 21.01 0.66
C ARG B 45 -27.56 22.36 0.33
N THR B 46 -27.02 23.46 0.86
CA THR B 46 -27.58 24.79 0.59
C THR B 46 -26.98 25.37 -0.66
N PRO B 47 -27.61 26.41 -1.24
CA PRO B 47 -27.05 27.02 -2.44
C PRO B 47 -25.63 27.49 -2.16
N LEU B 48 -25.43 28.04 -0.95
CA LEU B 48 -24.11 28.55 -0.56
C LEU B 48 -23.00 27.53 -0.75
N MET B 49 -23.29 26.26 -0.49
CA MET B 49 -22.29 25.20 -0.64
C MET B 49 -22.00 24.98 -2.11
N GLU B 50 -23.04 25.02 -2.94
CA GLU B 50 -22.87 24.81 -4.37
C GLU B 50 -21.90 25.85 -4.91
N ALA B 51 -22.02 27.06 -4.39
CA ALA B 51 -21.16 28.17 -4.78
C ALA B 51 -19.75 27.97 -4.28
N ALA B 52 -19.62 27.78 -2.97
CA ALA B 52 -18.31 27.57 -2.37
C ALA B 52 -17.58 26.38 -2.95
N GLU B 53 -18.28 25.27 -3.15
CA GLU B 53 -17.58 24.12 -3.67
C GLU B 53 -17.13 24.34 -5.09
N ASN B 54 -17.90 25.11 -5.86
CA ASN B 54 -17.53 25.36 -7.25
C ASN B 54 -16.71 26.63 -7.48
N ASN B 55 -16.06 27.12 -6.43
CA ASN B 55 -15.20 28.30 -6.49
C ASN B 55 -15.75 29.64 -7.02
N HIS B 56 -17.05 29.90 -6.82
CA HIS B 56 -17.67 31.15 -7.26
C HIS B 56 -17.76 32.18 -6.13
N LEU B 57 -16.59 32.74 -5.81
CA LEU B 57 -16.46 33.74 -4.76
C LEU B 57 -17.46 34.85 -4.85
N GLU B 58 -17.74 35.31 -6.06
CA GLU B 58 -18.69 36.41 -6.17
C GLU B 58 -20.09 35.98 -5.76
N ALA B 59 -20.49 34.76 -6.12
CA ALA B 59 -21.81 34.30 -5.71
C ALA B 59 -21.76 33.97 -4.20
N VAL B 60 -20.65 33.38 -3.73
CA VAL B 60 -20.51 33.05 -2.30
C VAL B 60 -20.71 34.33 -1.50
N LYS B 61 -20.11 35.43 -1.99
CA LYS B 61 -20.22 36.72 -1.34
C LYS B 61 -21.65 37.25 -1.43
N TYR B 62 -22.31 37.09 -2.59
CA TYR B 62 -23.69 37.58 -2.69
C TYR B 62 -24.65 36.88 -1.73
N LEU B 63 -24.71 35.54 -1.80
CA LEU B 63 -25.58 34.79 -0.91
C LEU B 63 -25.30 35.12 0.56
N ILE B 64 -24.04 35.18 0.94
CA ILE B 64 -23.76 35.48 2.33
C ILE B 64 -24.21 36.91 2.66
N LYS B 65 -23.91 37.85 1.79
CA LYS B 65 -24.33 39.22 2.05
C LYS B 65 -25.86 39.25 2.01
N ALA B 66 -26.47 38.30 1.34
CA ALA B 66 -27.93 38.28 1.27
C ALA B 66 -28.56 37.52 2.43
N GLY B 67 -27.76 37.19 3.44
CA GLY B 67 -28.30 36.49 4.59
C GLY B 67 -28.29 34.97 4.61
N ALA B 68 -27.63 34.33 3.65
CA ALA B 68 -27.61 32.88 3.68
C ALA B 68 -26.97 32.39 4.97
N LEU B 69 -27.47 31.28 5.51
CA LEU B 69 -26.90 30.70 6.70
C LEU B 69 -25.58 30.11 6.27
N VAL B 70 -24.54 30.43 7.02
CA VAL B 70 -23.20 29.98 6.67
C VAL B 70 -22.79 28.67 7.31
N ASP B 71 -23.26 28.38 8.52
CA ASP B 71 -22.80 27.14 9.13
C ASP B 71 -23.69 25.94 9.06
N PRO B 72 -24.75 25.96 8.23
CA PRO B 72 -25.54 24.74 8.24
C PRO B 72 -24.67 23.61 7.70
N LYS B 73 -24.96 22.38 8.12
CA LYS B 73 -24.18 21.21 7.71
C LYS B 73 -24.70 20.37 6.58
N ASP B 74 -23.73 19.73 5.95
CA ASP B 74 -23.87 18.83 4.83
C ASP B 74 -24.77 17.68 5.31
N ALA B 75 -24.72 16.56 4.61
CA ALA B 75 -25.48 15.38 4.99
C ALA B 75 -24.44 14.48 5.64
N GLU B 76 -23.22 15.02 5.75
CA GLU B 76 -22.12 14.30 6.33
C GLU B 76 -21.38 15.22 7.27
N GLY B 77 -22.09 16.23 7.75
CA GLY B 77 -21.51 17.18 8.69
C GLY B 77 -20.58 18.22 8.10
N SER B 78 -20.50 18.29 6.77
CA SER B 78 -19.64 19.27 6.11
C SER B 78 -20.25 20.64 5.95
N THR B 79 -19.52 21.69 6.34
CA THR B 79 -20.01 23.06 6.15
C THR B 79 -19.43 23.51 4.80
N CYS B 80 -19.85 24.65 4.29
CA CYS B 80 -19.30 25.10 3.01
C CYS B 80 -17.80 25.29 3.18
N LEU B 81 -17.39 25.67 4.38
CA LEU B 81 -15.96 25.84 4.65
C LEU B 81 -15.19 24.55 4.39
N HIS B 82 -15.80 23.41 4.69
CA HIS B 82 -15.13 22.12 4.46
C HIS B 82 -15.04 21.83 2.96
N LEU B 83 -16.13 22.08 2.26
CA LEU B 83 -16.19 21.83 0.83
C LEU B 83 -15.18 22.69 0.07
N ALA B 84 -14.97 23.90 0.55
CA ALA B 84 -14.01 24.78 -0.10
C ALA B 84 -12.62 24.21 0.09
N ALA B 85 -12.24 23.97 1.34
CA ALA B 85 -10.92 23.43 1.67
C ALA B 85 -10.61 22.10 0.98
N LYS B 86 -11.64 21.29 0.76
CA LYS B 86 -11.46 20.00 0.12
C LYS B 86 -11.15 20.19 -1.38
N LYS B 87 -11.77 21.18 -2.01
CA LYS B 87 -11.55 21.44 -3.43
C LYS B 87 -10.36 22.37 -3.64
N GLY B 88 -9.86 22.95 -2.55
CA GLY B 88 -8.70 23.81 -2.68
C GLY B 88 -8.92 25.28 -2.98
N HIS B 89 -10.14 25.79 -2.82
CA HIS B 89 -10.40 27.20 -3.12
C HIS B 89 -9.92 28.23 -2.08
N TYR B 90 -8.66 28.63 -2.20
CA TYR B 90 -8.03 29.60 -1.30
C TYR B 90 -8.86 30.83 -1.01
N GLU B 91 -9.30 31.54 -2.06
CA GLU B 91 -10.11 32.74 -1.88
C GLU B 91 -11.43 32.47 -1.14
N VAL B 92 -12.17 31.45 -1.56
CA VAL B 92 -13.41 31.17 -0.87
C VAL B 92 -13.14 30.91 0.61
N VAL B 93 -12.21 30.00 0.91
CA VAL B 93 -11.91 29.67 2.31
C VAL B 93 -11.48 30.90 3.10
N GLN B 94 -10.68 31.75 2.47
CA GLN B 94 -10.26 32.96 3.13
C GLN B 94 -11.48 33.82 3.46
N TYR B 95 -12.40 34.01 2.51
CA TYR B 95 -13.58 34.85 2.77
C TYR B 95 -14.47 34.29 3.89
N LEU B 96 -14.59 32.99 4.01
CA LEU B 96 -15.40 32.40 5.08
C LEU B 96 -14.71 32.54 6.42
N LEU B 97 -13.39 32.79 6.41
CA LEU B 97 -12.64 32.89 7.67
C LEU B 97 -12.10 34.29 8.00
N SER B 98 -12.64 35.29 7.32
CA SER B 98 -12.26 36.69 7.51
C SER B 98 -13.10 37.35 8.60
N ASN B 99 -14.15 36.66 9.03
CA ASN B 99 -15.08 37.16 10.02
C ASN B 99 -14.72 36.85 11.44
N GLY B 100 -14.21 35.64 11.66
CA GLY B 100 -13.91 35.18 13.01
C GLY B 100 -15.13 34.44 13.56
N GLN B 101 -16.24 34.46 12.81
CA GLN B 101 -17.48 33.80 13.21
C GLN B 101 -17.46 32.31 12.90
N MET B 102 -16.92 31.96 11.72
CA MET B 102 -16.82 30.55 11.33
C MET B 102 -15.78 29.94 12.25
N ASP B 103 -15.81 28.61 12.39
CA ASP B 103 -14.87 27.91 13.26
C ASP B 103 -13.98 26.99 12.45
N VAL B 104 -12.70 27.34 12.29
CA VAL B 104 -11.76 26.52 11.50
C VAL B 104 -11.65 25.08 11.94
N ASN B 105 -11.92 24.84 13.20
CA ASN B 105 -11.81 23.49 13.69
C ASN B 105 -13.09 22.69 13.70
N CYS B 106 -14.12 23.19 13.04
CA CYS B 106 -15.40 22.49 12.96
C CYS B 106 -15.18 21.13 12.32
N GLN B 107 -15.59 20.08 13.03
CA GLN B 107 -15.43 18.72 12.52
C GLN B 107 -16.67 18.19 11.84
N ASP B 108 -16.50 17.34 10.83
CA ASP B 108 -17.66 16.76 10.16
C ASP B 108 -17.96 15.41 10.80
N ASP B 109 -18.98 14.72 10.31
CA ASP B 109 -19.35 13.46 10.95
C ASP B 109 -18.23 12.40 11.09
N GLY B 110 -17.23 12.47 10.21
CA GLY B 110 -16.14 11.53 10.29
C GLY B 110 -15.06 12.07 11.21
N GLY B 111 -15.26 13.29 11.69
CA GLY B 111 -14.29 13.91 12.58
C GLY B 111 -13.20 14.71 11.88
N TRP B 112 -13.38 14.98 10.59
CA TRP B 112 -12.37 15.75 9.86
C TRP B 112 -12.54 17.25 9.92
N THR B 113 -11.41 17.93 10.01
CA THR B 113 -11.38 19.38 10.06
C THR B 113 -11.13 19.89 8.64
N PRO B 114 -11.35 21.20 8.41
CA PRO B 114 -11.10 21.68 7.05
C PRO B 114 -9.66 21.36 6.66
N MET B 115 -8.75 21.52 7.62
CA MET B 115 -7.36 21.23 7.37
C MET B 115 -7.14 19.78 6.88
N ILE B 116 -7.73 18.79 7.55
CA ILE B 116 -7.56 17.40 7.10
C ILE B 116 -8.08 17.22 5.67
N TRP B 117 -9.13 17.94 5.29
CA TRP B 117 -9.62 17.79 3.93
C TRP B 117 -8.59 18.38 2.98
N ALA B 118 -8.08 19.55 3.35
CA ALA B 118 -7.08 20.23 2.54
C ALA B 118 -5.83 19.35 2.43
N THR B 119 -5.52 18.60 3.48
CA THR B 119 -4.34 17.75 3.47
C THR B 119 -4.51 16.50 2.67
N GLU B 120 -5.75 16.04 2.57
CA GLU B 120 -6.02 14.82 1.81
C GLU B 120 -5.79 15.06 0.35
N TYR B 121 -5.96 16.32 -0.09
CA TYR B 121 -5.74 16.63 -1.50
C TYR B 121 -4.48 17.45 -1.79
N LYS B 122 -3.61 17.53 -0.80
CA LYS B 122 -2.33 18.20 -0.96
C LYS B 122 -2.39 19.68 -1.21
N HIS B 123 -3.52 20.32 -0.96
CA HIS B 123 -3.61 21.75 -1.17
C HIS B 123 -2.75 22.48 -0.13
N VAL B 124 -1.45 22.56 -0.39
CA VAL B 124 -0.51 23.17 0.54
C VAL B 124 -0.83 24.58 1.01
N ASP B 125 -1.06 25.49 0.08
CA ASP B 125 -1.36 26.85 0.46
C ASP B 125 -2.63 26.98 1.30
N LEU B 126 -3.58 26.08 1.06
CA LEU B 126 -4.83 26.05 1.82
C LEU B 126 -4.46 25.74 3.26
N VAL B 127 -3.63 24.71 3.47
CA VAL B 127 -3.20 24.32 4.82
C VAL B 127 -2.42 25.44 5.51
N LYS B 128 -1.60 26.14 4.74
CA LYS B 128 -0.83 27.27 5.27
C LYS B 128 -1.83 28.32 5.79
N LEU B 129 -2.78 28.69 4.93
CA LEU B 129 -3.81 29.65 5.30
C LEU B 129 -4.62 29.16 6.52
N LEU B 130 -5.13 27.94 6.45
CA LEU B 130 -5.89 27.40 7.58
C LEU B 130 -5.09 27.46 8.89
N LEU B 131 -3.79 27.18 8.80
CA LEU B 131 -2.95 27.23 9.99
C LEU B 131 -2.96 28.61 10.61
N SER B 132 -2.69 29.63 9.80
CA SER B 132 -2.68 31.00 10.30
C SER B 132 -4.03 31.46 10.85
N LYS B 133 -5.13 30.86 10.41
CA LYS B 133 -6.43 31.27 10.92
C LYS B 133 -6.83 30.49 12.17
N GLY B 134 -5.84 29.99 12.90
CA GLY B 134 -6.09 29.24 14.13
C GLY B 134 -6.40 27.75 14.09
N SER B 135 -6.18 27.10 12.94
CA SER B 135 -6.44 25.67 12.81
C SER B 135 -5.62 24.91 13.86
N ASP B 136 -6.25 24.04 14.63
CA ASP B 136 -5.56 23.28 15.68
C ASP B 136 -4.94 22.02 15.08
N ILE B 137 -3.63 21.83 15.22
CA ILE B 137 -2.99 20.65 14.66
C ILE B 137 -3.18 19.40 15.49
N ASN B 138 -3.73 19.51 16.70
CA ASN B 138 -3.90 18.32 17.54
C ASN B 138 -5.25 17.65 17.50
N ILE B 139 -6.22 18.28 16.84
CA ILE B 139 -7.56 17.71 16.73
C ILE B 139 -7.46 16.30 16.18
N ARG B 140 -8.13 15.35 16.82
CA ARG B 140 -8.11 13.95 16.40
C ARG B 140 -9.38 13.64 15.62
N ASP B 141 -9.31 12.83 14.58
CA ASP B 141 -10.55 12.49 13.85
C ASP B 141 -11.24 11.34 14.61
N ASN B 142 -12.22 10.67 14.02
CA ASN B 142 -12.89 9.60 14.76
C ASN B 142 -12.05 8.37 15.04
N GLU B 143 -10.94 8.21 14.32
CA GLU B 143 -10.09 7.07 14.53
C GLU B 143 -8.78 7.52 15.13
N GLU B 144 -8.85 8.64 15.84
CA GLU B 144 -7.71 9.22 16.52
C GLU B 144 -6.49 9.60 15.67
N ASN B 145 -6.75 9.91 14.41
CA ASN B 145 -5.71 10.36 13.49
C ASN B 145 -5.58 11.88 13.64
N ILE B 146 -4.36 12.38 13.78
CA ILE B 146 -4.17 13.83 13.81
C ILE B 146 -3.95 14.20 12.36
N CYS B 147 -3.71 15.46 12.06
CA CYS B 147 -3.52 15.81 10.68
C CYS B 147 -2.29 15.15 10.02
N LEU B 148 -1.19 15.10 10.76
CA LEU B 148 0.05 14.50 10.27
C LEU B 148 -0.12 13.08 9.73
N HIS B 149 -1.14 12.36 10.20
CA HIS B 149 -1.39 11.00 9.72
C HIS B 149 -1.92 11.03 8.29
N TRP B 150 -2.79 11.98 7.98
CA TRP B 150 -3.32 12.09 6.61
C TRP B 150 -2.26 12.62 5.68
N ALA B 151 -1.35 13.42 6.22
CA ALA B 151 -0.29 13.98 5.40
C ALA B 151 0.51 12.77 4.96
N ALA B 152 0.73 11.88 5.93
CA ALA B 152 1.49 10.67 5.66
C ALA B 152 0.70 9.83 4.68
N PHE B 153 -0.57 9.65 4.95
CA PHE B 153 -1.40 8.83 4.08
C PHE B 153 -1.38 9.27 2.63
N SER B 154 -1.36 10.58 2.39
CA SER B 154 -1.38 11.10 1.02
C SER B 154 0.01 11.37 0.44
N GLY B 155 1.00 11.48 1.31
CA GLY B 155 2.35 11.68 0.81
C GLY B 155 2.77 13.09 0.45
N CYS B 156 2.17 14.10 1.07
CA CYS B 156 2.62 15.46 0.77
C CYS B 156 3.60 15.90 1.85
N VAL B 157 4.89 15.75 1.57
CA VAL B 157 5.92 16.12 2.54
C VAL B 157 6.02 17.60 2.81
N ASP B 158 5.40 18.41 1.97
CA ASP B 158 5.42 19.84 2.17
C ASP B 158 4.48 20.15 3.32
N ILE B 159 3.33 19.48 3.32
CA ILE B 159 2.35 19.69 4.37
C ILE B 159 2.95 19.06 5.62
N ALA B 160 3.30 17.79 5.53
CA ALA B 160 3.91 17.08 6.66
C ALA B 160 4.98 17.93 7.30
N GLU B 161 5.82 18.52 6.46
CA GLU B 161 6.91 19.35 6.95
C GLU B 161 6.39 20.55 7.71
N ILE B 162 5.38 21.22 7.15
CA ILE B 162 4.83 22.39 7.80
C ILE B 162 4.27 21.99 9.18
N LEU B 163 3.43 20.98 9.19
CA LEU B 163 2.84 20.51 10.43
C LEU B 163 3.93 20.17 11.42
N LEU B 164 4.94 19.42 11.00
CA LEU B 164 6.02 19.07 11.94
C LEU B 164 6.63 20.33 12.53
N ALA B 165 6.78 21.36 11.69
CA ALA B 165 7.34 22.64 12.10
C ALA B 165 6.37 23.32 13.08
N ALA B 166 5.08 23.01 12.96
CA ALA B 166 4.05 23.57 13.83
C ALA B 166 4.05 22.89 15.18
N LYS B 167 5.10 22.12 15.46
CA LYS B 167 5.21 21.43 16.73
C LYS B 167 4.12 20.38 16.92
N CYS B 168 3.87 19.58 15.88
CA CYS B 168 2.87 18.52 15.92
C CYS B 168 3.54 17.23 16.41
N ASP B 169 2.78 16.28 16.95
CA ASP B 169 3.38 15.03 17.47
C ASP B 169 3.76 14.01 16.40
N LEU B 170 5.07 13.77 16.28
CA LEU B 170 5.59 12.85 15.30
C LEU B 170 5.31 11.40 15.69
N HIS B 171 4.99 11.20 16.96
CA HIS B 171 4.70 9.88 17.51
C HIS B 171 3.24 9.61 17.87
N ALA B 172 2.34 10.50 17.50
CA ALA B 172 0.93 10.26 17.78
C ALA B 172 0.49 8.96 17.08
N VAL B 173 -0.39 8.20 17.71
CA VAL B 173 -0.83 6.97 17.09
C VAL B 173 -2.34 6.91 17.09
N ASN B 174 -2.90 6.38 16.02
CA ASN B 174 -4.34 6.31 15.95
C ASN B 174 -4.90 5.07 16.62
N ILE B 175 -6.19 4.86 16.42
CA ILE B 175 -6.94 3.75 16.99
C ILE B 175 -6.43 2.38 16.53
N HIS B 176 -5.32 2.37 15.81
CA HIS B 176 -4.78 1.11 15.30
C HIS B 176 -3.31 0.94 15.68
N GLY B 177 -2.80 1.91 16.43
CA GLY B 177 -1.41 1.84 16.85
C GLY B 177 -0.45 2.47 15.86
N ASP B 178 -0.97 2.84 14.68
CA ASP B 178 -0.18 3.45 13.60
C ASP B 178 0.36 4.85 13.85
N SER B 179 1.66 5.04 13.73
CA SER B 179 2.23 6.35 13.91
C SER B 179 2.34 6.92 12.49
N PRO B 180 2.77 8.18 12.33
CA PRO B 180 2.85 8.62 10.93
C PRO B 180 3.77 7.69 10.10
N LEU B 181 4.98 7.44 10.62
CA LEU B 181 5.94 6.56 9.95
C LEU B 181 5.28 5.27 9.52
N HIS B 182 4.34 4.79 10.29
CA HIS B 182 3.67 3.57 9.89
C HIS B 182 2.94 3.85 8.61
N ILE B 183 1.94 4.71 8.67
CA ILE B 183 1.13 5.06 7.52
C ILE B 183 1.95 5.32 6.25
N ALA B 184 3.01 6.10 6.37
CA ALA B 184 3.82 6.40 5.19
C ALA B 184 4.38 5.14 4.55
N ALA B 185 5.11 4.33 5.32
CA ALA B 185 5.68 3.11 4.77
C ALA B 185 4.61 2.24 4.13
N ARG B 186 3.49 2.08 4.80
CA ARG B 186 2.43 1.26 4.25
C ARG B 186 1.80 1.82 2.99
N GLU B 187 1.91 3.14 2.79
CA GLU B 187 1.35 3.79 1.62
C GLU B 187 2.44 4.22 0.66
N ASN B 188 3.59 3.58 0.75
CA ASN B 188 4.80 3.80 -0.06
C ASN B 188 5.17 5.24 -0.34
N ARG B 189 5.18 6.06 0.68
CA ARG B 189 5.50 7.47 0.51
C ARG B 189 6.95 7.76 0.86
N TYR B 190 7.86 7.30 0.01
CA TYR B 190 9.28 7.50 0.25
C TYR B 190 9.64 8.84 0.90
N ASP B 191 9.42 9.93 0.19
CA ASP B 191 9.75 11.25 0.73
C ASP B 191 9.32 11.40 2.18
N CYS B 192 8.13 10.89 2.51
CA CYS B 192 7.61 10.99 3.86
C CYS B 192 8.37 10.15 4.87
N VAL B 193 8.56 8.86 4.59
CA VAL B 193 9.29 8.06 5.55
C VAL B 193 10.66 8.71 5.70
N VAL B 194 11.24 9.20 4.60
CA VAL B 194 12.55 9.84 4.70
C VAL B 194 12.51 11.07 5.63
N LEU B 195 11.46 11.87 5.50
CA LEU B 195 11.32 13.04 6.35
C LEU B 195 11.13 12.57 7.80
N PHE B 196 10.27 11.57 8.00
CA PHE B 196 10.03 11.07 9.34
C PHE B 196 11.25 10.45 9.98
N LEU B 197 11.97 9.61 9.23
CA LEU B 197 13.16 8.97 9.74
C LEU B 197 14.22 10.01 10.01
N SER B 198 14.36 10.98 9.14
CA SER B 198 15.36 12.01 9.35
C SER B 198 14.96 12.87 10.53
N ARG B 199 13.76 12.60 11.07
CA ARG B 199 13.14 13.34 12.18
C ARG B 199 12.89 12.46 13.39
N ASP B 200 13.49 11.30 13.42
CA ASP B 200 13.42 10.41 14.58
C ASP B 200 12.13 9.65 14.88
N SER B 201 11.34 9.28 13.88
CA SER B 201 10.18 8.43 14.18
C SER B 201 10.84 7.12 14.63
N ASP B 202 10.20 6.41 15.55
CA ASP B 202 10.78 5.17 16.01
C ASP B 202 10.52 4.02 15.04
N VAL B 203 11.60 3.47 14.49
CA VAL B 203 11.48 2.39 13.54
C VAL B 203 11.03 1.10 14.17
N THR B 204 11.05 1.05 15.50
CA THR B 204 10.65 -0.14 16.25
C THR B 204 9.15 -0.20 16.59
N LEU B 205 8.63 0.91 17.11
CA LEU B 205 7.23 0.99 17.49
C LEU B 205 6.31 0.05 16.71
N LYS B 206 5.67 -0.87 17.40
CA LYS B 206 4.74 -1.80 16.77
C LYS B 206 3.35 -1.19 16.91
N ASN B 207 2.38 -1.71 16.17
CA ASN B 207 1.03 -1.17 16.29
C ASN B 207 0.08 -2.24 16.84
N LYS B 208 -1.18 -1.88 17.03
CA LYS B 208 -2.18 -2.79 17.60
C LYS B 208 -2.20 -4.17 16.93
N GLU B 209 -1.31 -4.41 15.98
CA GLU B 209 -1.26 -5.71 15.34
C GLU B 209 0.12 -6.34 15.25
N GLY B 210 1.07 -5.73 15.96
CA GLY B 210 2.43 -6.27 16.01
C GLY B 210 3.44 -5.81 14.98
N GLU B 211 3.00 -5.04 14.00
CA GLU B 211 3.89 -4.55 12.94
C GLU B 211 4.70 -3.32 13.29
N THR B 212 5.92 -3.27 12.82
CA THR B 212 6.65 -2.05 13.04
C THR B 212 6.25 -1.16 11.84
N PRO B 213 7.05 -0.16 11.57
CA PRO B 213 6.81 0.45 10.27
C PRO B 213 7.44 -0.39 9.14
N LEU B 214 8.64 -0.91 9.37
CA LEU B 214 9.33 -1.73 8.36
C LEU B 214 8.49 -2.93 7.91
N GLN B 215 7.83 -3.56 8.85
CA GLN B 215 7.01 -4.71 8.52
C GLN B 215 5.76 -4.30 7.74
N CYS B 216 5.54 -3.01 7.56
CA CYS B 216 4.37 -2.52 6.81
C CYS B 216 4.80 -2.08 5.44
N ALA B 217 6.11 -1.87 5.29
CA ALA B 217 6.69 -1.42 4.04
C ALA B 217 6.61 -2.53 2.99
N SER B 218 6.71 -2.14 1.73
CA SER B 218 6.64 -3.11 0.65
C SER B 218 8.02 -3.70 0.39
N LEU B 219 8.04 -5.01 0.17
CA LEU B 219 9.28 -5.74 -0.07
C LEU B 219 10.08 -5.26 -1.29
N ASN B 220 11.34 -4.91 -1.06
CA ASN B 220 12.23 -4.45 -2.13
C ASN B 220 11.93 -3.03 -2.61
N SER B 221 10.98 -2.37 -1.97
CA SER B 221 10.64 -1.02 -2.36
C SER B 221 11.71 -0.10 -1.84
N GLN B 222 11.62 1.18 -2.19
CA GLN B 222 12.60 2.16 -1.74
C GLN B 222 12.36 2.47 -0.28
N VAL B 223 11.11 2.43 0.13
CA VAL B 223 10.73 2.69 1.51
C VAL B 223 11.41 1.60 2.33
N TRP B 224 11.12 0.36 1.94
CA TRP B 224 11.67 -0.80 2.62
C TRP B 224 13.18 -0.68 2.79
N SER B 225 13.84 -0.22 1.75
CA SER B 225 15.28 -0.05 1.79
C SER B 225 15.68 1.04 2.75
N ALA B 226 14.99 2.17 2.70
CA ALA B 226 15.33 3.30 3.58
C ALA B 226 15.08 2.95 5.04
N LEU B 227 14.05 2.14 5.32
CA LEU B 227 13.75 1.74 6.69
C LEU B 227 14.81 0.74 7.18
N GLN B 228 15.21 -0.20 6.32
CA GLN B 228 16.24 -1.20 6.61
C GLN B 228 17.49 -0.49 7.09
N MET B 229 17.99 0.39 6.22
CA MET B 229 19.17 1.19 6.50
C MET B 229 19.00 1.88 7.85
N SER B 230 17.84 2.48 8.07
CA SER B 230 17.58 3.18 9.31
C SER B 230 17.67 2.22 10.48
N LYS B 231 16.92 1.12 10.39
CA LYS B 231 16.94 0.11 11.44
C LYS B 231 18.39 -0.29 11.74
N ALA B 232 19.13 -0.65 10.70
CA ALA B 232 20.52 -1.06 10.83
C ALA B 232 21.41 0.04 11.41
N LEU B 233 21.49 1.19 10.75
CA LEU B 233 22.32 2.30 11.20
C LEU B 233 22.08 2.62 12.68
N GLN B 234 21.01 2.03 13.24
CA GLN B 234 20.67 2.22 14.65
C GLN B 234 21.36 1.09 15.43
N ASP B 235 21.05 -0.16 15.07
CA ASP B 235 21.64 -1.34 15.72
C ASP B 235 23.15 -1.47 15.45
N SER B 236 23.82 -0.32 15.34
CA SER B 236 25.26 -0.25 15.06
C SER B 236 25.80 1.12 15.47
S SO4 C . 26.32 -9.74 -11.86
O1 SO4 C . 25.60 -11.02 -11.68
O2 SO4 C . 27.60 -9.80 -11.15
O3 SO4 C . 26.56 -9.54 -13.30
O4 SO4 C . 25.50 -8.62 -11.33
S SO4 D . 14.81 -30.82 0.12
O1 SO4 D . 15.41 -31.69 1.15
O2 SO4 D . 15.21 -29.41 0.33
O3 SO4 D . 15.24 -31.26 -1.21
O4 SO4 D . 13.32 -30.92 0.20
S SO4 E . 19.00 -24.10 -6.49
O1 SO4 E . 20.03 -24.65 -5.59
O2 SO4 E . 19.00 -22.63 -6.39
O3 SO4 E . 19.28 -24.49 -7.88
O4 SO4 E . 17.67 -24.60 -6.10
S SO4 F . 11.70 -35.29 8.45
O1 SO4 F . 11.62 -34.65 9.78
O2 SO4 F . 11.87 -34.26 7.39
O3 SO4 F . 12.86 -36.21 8.41
O4 SO4 F . 10.46 -36.04 8.19
S SO4 G . 6.57 9.30 -3.10
O1 SO4 G . 6.82 10.23 -1.97
O2 SO4 G . 7.15 7.99 -2.76
O3 SO4 G . 5.12 9.14 -3.32
O4 SO4 G . 7.21 9.84 -4.31
S SO4 H . -1.53 8.49 -5.13
O1 SO4 H . -0.42 9.40 -4.79
O2 SO4 H . -1.03 7.34 -5.90
O3 SO4 H . -2.18 7.99 -3.90
O4 SO4 H . -2.53 9.23 -5.92
S SO4 I . -8.24 30.06 -5.77
O1 SO4 I . -6.89 30.52 -5.39
O2 SO4 I . -8.21 28.60 -5.99
O3 SO4 I . -9.19 30.39 -4.70
O4 SO4 I . -8.66 30.75 -7.02
S SO4 J . -23.26 37.01 -13.26
O1 SO4 J . -22.11 36.39 -12.58
O2 SO4 J . -23.77 38.13 -12.44
O3 SO4 J . -22.83 37.52 -14.58
O4 SO4 J . -24.34 36.02 -13.46
#